data_5O7D
#
_entry.id   5O7D
#
_cell.length_a   36.050
_cell.length_b   106.680
_cell.length_c   50.690
_cell.angle_alpha   90.00
_cell.angle_beta   97.32
_cell.angle_gamma   90.00
#
_symmetry.space_group_name_H-M   'P 1 21 1'
#
loop_
_entity.id
_entity.type
_entity.pdbx_description
1 polymer 'Phosphoglycerate kinase 1'
2 non-polymer "ADENOSINE-5'-DIPHOSPHATE"
3 water water
#
_entity_poly.entity_id   1
_entity_poly.type   'polypeptide(L)'
_entity_poly.pdbx_seq_one_letter_code
;MSLSNKLTLDKLDVKGKRVVMRVDFNVPMKNNQITNNQMIKAAVPSIKFCLDNGAKSVVLMSHLGRPDGVPMPDKYSLEP
VAVELKSLLGKDVLFLKDCVGPEVEKACANPAAGSVILLENLRFHVEEEGKGKDASGNKVKAEPAKIEAFRASLSKLGDV
YVNDAFGTAHRAHSSMVGVNLPQKAGGFLMKKELNYFAKALESPERPFLAILGGAKVADKIQLINNMLDKVNEMIIGGGM
AFTFLKVLNNMEIGTSLFDEEGAKIVKDLMSKAEKNGVKITLPVDFVTADKFDENAKTGQATVASGIPAGWMGLDCGPES
SKKYAEAVTRAKQIVWNGPVGVFEWEAFARGTKALMDEVVKATSRGCITIIGGGDTATCCAKWNTEDKVSHVSTGGGASL
ELLEGKVLPGVDALSNI
;
_entity_poly.pdbx_strand_id   A
#
loop_
_chem_comp.id
_chem_comp.type
_chem_comp.name
_chem_comp.formula
ADP non-polymer ADENOSINE-5'-DIPHOSPHATE 'C10 H15 N5 O10 P2'
#
# COMPACT_ATOMS: atom_id res chain seq x y z
N LEU A 3 3.42 -2.92 16.75
CA LEU A 3 2.16 -2.70 15.97
C LEU A 3 0.89 -3.05 16.74
N SER A 4 1.00 -3.99 17.66
CA SER A 4 -0.15 -4.46 18.42
C SER A 4 -0.66 -3.44 19.45
N ASN A 5 0.16 -2.44 19.82
CA ASN A 5 -0.04 -1.65 21.05
C ASN A 5 -0.82 -0.33 20.92
N LYS A 6 -1.44 -0.09 19.76
CA LYS A 6 -1.96 1.23 19.44
C LYS A 6 -3.47 1.36 19.69
N LEU A 7 -3.87 2.54 20.16
CA LEU A 7 -5.26 2.90 20.38
C LEU A 7 -5.96 2.93 19.05
N THR A 8 -7.19 2.45 19.03
CA THR A 8 -7.99 2.42 17.82
C THR A 8 -9.32 3.09 18.11
N LEU A 9 -9.99 3.49 17.03
CA LEU A 9 -11.23 4.27 17.08
C LEU A 9 -12.30 3.66 17.99
N ASP A 10 -12.49 2.36 17.89
CA ASP A 10 -13.47 1.65 18.69
C ASP A 10 -13.28 1.83 20.19
N LYS A 11 -12.06 2.11 20.63
CA LYS A 11 -11.79 2.33 22.06
C LYS A 11 -11.71 3.82 22.39
N LEU A 12 -11.98 4.69 21.40
CA LEU A 12 -11.81 6.12 21.55
C LEU A 12 -13.15 6.72 21.96
N ASP A 13 -13.16 7.44 23.08
CA ASP A 13 -14.36 8.13 23.50
C ASP A 13 -14.51 9.38 22.65
N VAL A 14 -15.61 9.44 21.88
CA VAL A 14 -15.86 10.51 20.93
C VAL A 14 -17.08 11.34 21.31
N LYS A 15 -17.77 11.01 22.40
CA LYS A 15 -19.00 11.70 22.76
C LYS A 15 -18.73 13.19 23.01
N GLY A 16 -19.37 14.05 22.22
CA GLY A 16 -19.21 15.52 22.36
C GLY A 16 -17.95 16.12 21.73
N LYS A 17 -17.13 15.28 21.11
CA LYS A 17 -15.77 15.64 20.70
C LYS A 17 -15.74 15.87 19.19
N ARG A 18 -14.94 16.85 18.77
CA ARG A 18 -14.62 17.13 17.39
C ARG A 18 -13.53 16.14 16.95
N VAL A 19 -13.78 15.40 15.87
CA VAL A 19 -12.85 14.38 15.44
C VAL A 19 -12.21 14.85 14.15
N VAL A 20 -10.90 15.03 14.15
CA VAL A 20 -10.19 15.32 12.91
C VAL A 20 -9.63 13.98 12.43
N MET A 21 -10.02 13.60 11.21
CA MET A 21 -9.75 12.26 10.72
C MET A 21 -9.02 12.32 9.40
N ARG A 22 -7.80 11.79 9.39
CA ARG A 22 -7.03 11.69 8.15
C ARG A 22 -7.53 10.45 7.40
N VAL A 23 -7.93 10.62 6.13
CA VAL A 23 -8.49 9.53 5.32
C VAL A 23 -7.76 9.52 4.00
N ASP A 24 -7.87 8.41 3.31
CA ASP A 24 -7.29 8.29 1.98
C ASP A 24 -8.44 8.36 1.00
N PHE A 25 -8.68 9.57 0.48
CA PHE A 25 -9.64 9.79 -0.59
C PHE A 25 -8.98 10.08 -1.93
N ASN A 26 -7.78 9.54 -2.15
CA ASN A 26 -7.11 9.66 -3.43
C ASN A 26 -7.68 8.71 -4.50
N VAL A 27 -8.91 8.99 -4.92
CA VAL A 27 -9.66 8.06 -5.76
C VAL A 27 -9.33 8.26 -7.23
N PRO A 28 -9.53 7.22 -8.05
CA PRO A 28 -9.30 7.44 -9.50
C PRO A 28 -10.36 8.40 -10.06
N MET A 29 -9.94 9.20 -11.03
CA MET A 29 -10.75 10.30 -11.51
C MET A 29 -10.58 10.43 -13.02
N LYS A 30 -11.63 10.91 -13.69
CA LYS A 30 -11.49 11.44 -15.05
C LYS A 30 -12.37 12.68 -15.18
N ASN A 31 -11.69 13.80 -15.41
CA ASN A 31 -12.31 15.11 -15.54
C ASN A 31 -13.22 15.45 -14.37
N ASN A 32 -12.68 15.25 -13.17
CA ASN A 32 -13.33 15.56 -11.90
C ASN A 32 -14.62 14.79 -11.60
N GLN A 33 -14.72 13.60 -12.19
CA GLN A 33 -15.76 12.64 -11.93
C GLN A 33 -15.04 11.37 -11.42
N ILE A 34 -15.56 10.84 -10.33
CA ILE A 34 -15.00 9.67 -9.66
C ILE A 34 -15.31 8.38 -10.45
N THR A 35 -14.28 7.63 -10.85
CA THR A 35 -14.45 6.40 -11.63
C THR A 35 -14.57 5.14 -10.76
N ASN A 36 -14.21 5.25 -9.48
CA ASN A 36 -14.37 4.18 -8.52
C ASN A 36 -14.41 4.75 -7.11
N ASN A 37 -15.54 4.59 -6.43
CA ASN A 37 -15.74 5.12 -5.10
C ASN A 37 -15.35 4.20 -3.91
N GLN A 38 -14.67 3.08 -4.22
CA GLN A 38 -14.37 2.01 -3.24
C GLN A 38 -13.59 2.56 -2.04
N MET A 39 -12.58 3.38 -2.33
CA MET A 39 -11.79 4.00 -1.27
C MET A 39 -12.63 4.89 -0.32
N ILE A 40 -13.64 5.58 -0.86
CA ILE A 40 -14.53 6.43 -0.06
C ILE A 40 -15.43 5.58 0.82
N LYS A 41 -16.01 4.53 0.22
CA LYS A 41 -16.88 3.61 0.96
C LYS A 41 -16.13 2.92 2.10
N ALA A 42 -14.84 2.65 1.92
CA ALA A 42 -14.04 1.99 2.98
C ALA A 42 -13.90 2.81 4.25
N ALA A 43 -13.98 4.13 4.10
CA ALA A 43 -13.86 5.06 5.19
C ALA A 43 -15.18 5.22 5.91
N VAL A 44 -16.28 4.88 5.24
CA VAL A 44 -17.60 5.12 5.86
C VAL A 44 -17.74 4.52 7.26
N PRO A 45 -17.31 3.25 7.46
CA PRO A 45 -17.49 2.72 8.82
C PRO A 45 -16.83 3.56 9.91
N SER A 46 -15.60 4.00 9.70
CA SER A 46 -14.95 4.90 10.68
C SER A 46 -15.76 6.22 10.94
N ILE A 47 -16.30 6.81 9.88
CA ILE A 47 -17.03 8.09 10.01
C ILE A 47 -18.35 7.88 10.71
N LYS A 48 -19.11 6.90 10.23
CA LYS A 48 -20.39 6.52 10.83
C LYS A 48 -20.24 6.10 12.31
N PHE A 49 -19.12 5.48 12.67
CA PHE A 49 -18.91 5.15 14.08
C PHE A 49 -18.84 6.41 14.94
N CYS A 50 -18.12 7.42 14.46
CA CYS A 50 -17.99 8.72 15.16
C CYS A 50 -19.34 9.38 15.32
N LEU A 51 -20.07 9.44 14.21
CA LEU A 51 -21.44 9.99 14.24
C LEU A 51 -22.35 9.25 15.22
N ASP A 52 -22.44 7.91 15.08
CA ASP A 52 -23.32 7.09 15.93
C ASP A 52 -22.97 7.16 17.42
N ASN A 53 -21.73 7.47 17.76
CA ASN A 53 -21.33 7.58 19.17
C ASN A 53 -21.24 9.03 19.69
N GLY A 54 -21.92 9.95 19.00
CA GLY A 54 -22.13 11.29 19.51
C GLY A 54 -20.98 12.27 19.30
N ALA A 55 -20.23 12.14 18.20
CA ALA A 55 -19.18 13.12 17.90
C ALA A 55 -19.79 14.47 17.54
N LYS A 56 -19.24 15.57 18.06
CA LYS A 56 -19.70 16.92 17.63
C LYS A 56 -19.47 17.11 16.12
N SER A 57 -18.31 16.69 15.65
CA SER A 57 -18.03 16.83 14.25
C SER A 57 -17.03 15.79 13.83
N VAL A 58 -16.96 15.59 12.53
CA VAL A 58 -15.92 14.85 11.91
C VAL A 58 -15.32 15.75 10.82
N VAL A 59 -14.04 16.09 10.96
CA VAL A 59 -13.29 16.87 9.97
C VAL A 59 -12.35 15.96 9.15
N LEU A 60 -12.67 15.80 7.88
CA LEU A 60 -11.96 14.87 7.03
C LEU A 60 -10.91 15.63 6.27
N MET A 61 -9.71 15.07 6.20
CA MET A 61 -8.61 15.66 5.44
C MET A 61 -7.89 14.60 4.67
N SER A 62 -7.46 14.94 3.45
CA SER A 62 -6.88 13.95 2.59
C SER A 62 -6.15 14.64 1.43
N HIS A 63 -5.61 13.84 0.55
CA HIS A 63 -5.03 14.38 -0.66
C HIS A 63 -5.64 13.67 -1.85
N LEU A 64 -5.38 14.22 -3.03
CA LEU A 64 -5.86 13.63 -4.27
C LEU A 64 -4.94 14.08 -5.39
N GLY A 65 -4.57 13.17 -6.28
CA GLY A 65 -3.78 13.54 -7.43
C GLY A 65 -2.39 13.99 -7.07
N ARG A 66 -1.80 14.79 -7.96
CA ARG A 66 -0.42 15.30 -7.83
C ARG A 66 -0.36 16.84 -8.05
N PRO A 67 -0.94 17.62 -7.10
CA PRO A 67 -0.79 19.07 -7.14
C PRO A 67 0.62 19.54 -6.79
N ASP A 68 1.33 18.76 -5.97
CA ASP A 68 2.73 19.01 -5.62
C ASP A 68 2.96 20.33 -4.89
N GLY A 69 2.16 20.59 -3.85
CA GLY A 69 2.31 21.80 -3.03
C GLY A 69 1.86 23.13 -3.61
N VAL A 70 1.00 23.09 -4.64
CA VAL A 70 0.44 24.27 -5.35
C VAL A 70 -1.08 24.14 -5.44
N PRO A 71 -1.82 25.25 -5.22
CA PRO A 71 -3.28 25.12 -5.33
C PRO A 71 -3.76 24.87 -6.78
N MET A 72 -4.39 23.71 -7.01
CA MET A 72 -4.94 23.37 -8.33
C MET A 72 -6.41 22.97 -8.21
N PRO A 73 -7.29 23.90 -7.80
CA PRO A 73 -8.72 23.56 -7.61
C PRO A 73 -9.48 23.17 -8.90
N ASP A 74 -8.94 23.48 -10.08
CA ASP A 74 -9.55 23.04 -11.35
C ASP A 74 -9.16 21.62 -11.75
N LYS A 75 -8.10 21.10 -11.15
CA LYS A 75 -7.49 19.83 -11.53
C LYS A 75 -7.60 18.75 -10.45
N TYR A 76 -7.26 19.10 -9.20
CA TYR A 76 -7.20 18.11 -8.11
C TYR A 76 -7.97 18.53 -6.84
N SER A 77 -9.16 19.10 -7.03
CA SER A 77 -10.05 19.43 -5.91
C SER A 77 -10.71 18.17 -5.35
N LEU A 78 -10.90 18.13 -4.05
CA LEU A 78 -11.70 17.07 -3.41
C LEU A 78 -13.21 17.34 -3.43
N GLU A 79 -13.67 18.40 -4.08
CA GLU A 79 -15.09 18.73 -4.07
C GLU A 79 -15.99 17.56 -4.52
N PRO A 80 -15.70 16.97 -5.69
CA PRO A 80 -16.55 15.85 -6.14
C PRO A 80 -16.68 14.74 -5.10
N VAL A 81 -15.61 14.50 -4.35
CA VAL A 81 -15.58 13.51 -3.28
C VAL A 81 -16.57 13.86 -2.15
N ALA A 82 -16.68 15.13 -1.79
CA ALA A 82 -17.72 15.58 -0.84
C ALA A 82 -19.14 15.24 -1.32
N VAL A 83 -19.36 15.30 -2.63
CA VAL A 83 -20.68 15.01 -3.19
C VAL A 83 -20.95 13.53 -3.01
N GLU A 84 -20.01 12.72 -3.46
CA GLU A 84 -20.11 11.25 -3.41
C GLU A 84 -20.33 10.78 -1.98
N LEU A 85 -19.62 11.41 -1.06
CA LEU A 85 -19.70 11.08 0.33
C LEU A 85 -21.09 11.38 0.92
N LYS A 86 -21.70 12.48 0.47
CA LYS A 86 -23.06 12.87 0.88
C LYS A 86 -24.06 11.74 0.67
N SER A 87 -24.01 11.17 -0.54
CA SER A 87 -24.79 9.98 -0.90
C SER A 87 -24.54 8.80 0.05
N LEU A 88 -23.27 8.45 0.22
CA LEU A 88 -22.88 7.26 0.96
C LEU A 88 -23.28 7.36 2.41
N LEU A 89 -23.13 8.54 3.01
CA LEU A 89 -23.55 8.76 4.41
C LEU A 89 -25.02 9.04 4.57
N GLY A 90 -25.70 9.45 3.48
CA GLY A 90 -27.09 9.94 3.55
C GLY A 90 -27.23 11.20 4.39
N LYS A 91 -26.28 12.13 4.21
CA LYS A 91 -26.10 13.23 5.16
C LYS A 91 -25.18 14.29 4.59
N ASP A 92 -25.46 15.56 4.89
CA ASP A 92 -24.71 16.70 4.32
C ASP A 92 -23.23 16.62 4.65
N VAL A 93 -22.41 16.93 3.67
CA VAL A 93 -20.98 17.10 3.90
C VAL A 93 -20.67 18.53 3.50
N LEU A 94 -20.20 19.31 4.48
CA LEU A 94 -19.72 20.67 4.23
C LEU A 94 -18.32 20.65 3.60
N PHE A 95 -18.21 21.12 2.37
CA PHE A 95 -16.91 21.25 1.73
C PHE A 95 -16.29 22.62 1.96
N LEU A 96 -15.06 22.66 2.49
CA LEU A 96 -14.34 23.93 2.68
C LEU A 96 -13.23 24.03 1.68
N LYS A 97 -12.96 25.26 1.22
CA LYS A 97 -12.09 25.47 0.05
C LYS A 97 -10.57 25.44 0.38
N ASP A 98 -10.23 25.30 1.65
CA ASP A 98 -8.85 25.10 2.12
C ASP A 98 -8.82 24.08 3.29
N CYS A 99 -7.64 23.74 3.80
CA CYS A 99 -7.52 22.83 4.95
C CYS A 99 -6.90 23.45 6.24
N VAL A 100 -6.44 24.69 6.16
CA VAL A 100 -5.83 25.40 7.28
C VAL A 100 -6.14 26.91 7.16
N GLY A 101 -5.77 27.68 8.18
CA GLY A 101 -5.99 29.12 8.20
C GLY A 101 -7.16 29.53 9.08
N PRO A 102 -7.32 30.85 9.36
CA PRO A 102 -8.32 31.33 10.35
C PRO A 102 -9.78 31.04 9.94
N GLU A 103 -10.08 31.09 8.64
CA GLU A 103 -11.43 30.79 8.15
C GLU A 103 -11.83 29.33 8.39
N VAL A 104 -10.95 28.42 7.98
CA VAL A 104 -11.11 26.98 8.21
C VAL A 104 -11.22 26.71 9.72
N GLU A 105 -10.33 27.30 10.52
CA GLU A 105 -10.38 27.09 12.00
C GLU A 105 -11.64 27.59 12.66
N LYS A 106 -12.11 28.74 12.18
CA LYS A 106 -13.41 29.28 12.60
C LYS A 106 -14.54 28.32 12.26
N ALA A 107 -14.60 27.85 11.01
CA ALA A 107 -15.64 26.86 10.62
C ALA A 107 -15.63 25.60 11.49
N CYS A 108 -14.43 25.14 11.85
CA CYS A 108 -14.27 23.91 12.63
C CYS A 108 -14.28 24.09 14.13
N ALA A 109 -14.34 25.31 14.64
CA ALA A 109 -14.11 25.52 16.07
C ALA A 109 -15.20 24.93 16.97
N ASN A 110 -16.46 25.19 16.64
CA ASN A 110 -17.58 24.65 17.39
C ASN A 110 -18.78 24.40 16.45
N PRO A 111 -18.66 23.39 15.58
CA PRO A 111 -19.70 23.24 14.55
C PRO A 111 -20.99 22.66 15.11
N ALA A 112 -22.09 22.79 14.37
CA ALA A 112 -23.37 22.14 14.74
C ALA A 112 -23.13 20.64 15.03
N ALA A 113 -23.63 20.13 16.17
CA ALA A 113 -23.54 18.69 16.50
C ALA A 113 -23.83 17.77 15.29
N GLY A 114 -22.92 16.83 15.02
CA GLY A 114 -23.03 15.91 13.85
C GLY A 114 -22.60 16.41 12.50
N SER A 115 -21.93 17.54 12.43
CA SER A 115 -21.44 18.05 11.15
C SER A 115 -20.35 17.13 10.60
N VAL A 116 -20.43 16.86 9.29
CA VAL A 116 -19.35 16.26 8.54
C VAL A 116 -18.74 17.35 7.64
N ILE A 117 -17.42 17.52 7.71
CA ILE A 117 -16.72 18.58 6.99
C ILE A 117 -15.59 17.95 6.20
N LEU A 118 -15.54 18.20 4.90
CA LEU A 118 -14.36 17.78 4.11
C LEU A 118 -13.52 19.02 3.80
N LEU A 119 -12.24 18.98 4.15
CA LEU A 119 -11.34 20.06 3.81
C LEU A 119 -10.85 19.82 2.42
N GLU A 120 -10.27 20.87 1.85
CA GLU A 120 -9.68 20.78 0.53
C GLU A 120 -8.33 20.10 0.63
N ASN A 121 -7.89 19.54 -0.51
CA ASN A 121 -6.63 18.85 -0.72
C ASN A 121 -5.41 19.37 0.08
N LEU A 122 -4.88 18.53 0.98
CA LEU A 122 -3.76 18.90 1.88
C LEU A 122 -2.48 19.26 1.11
N ARG A 123 -2.29 18.60 -0.02
CA ARG A 123 -1.07 18.78 -0.84
C ARG A 123 -1.15 19.94 -1.81
N PHE A 124 -2.22 20.75 -1.73
CA PHE A 124 -2.18 22.11 -2.27
C PHE A 124 -1.16 22.99 -1.55
N HIS A 125 -0.76 22.58 -0.34
CA HIS A 125 0.22 23.30 0.45
C HIS A 125 1.49 22.50 0.49
N VAL A 126 2.60 23.21 0.26
CA VAL A 126 3.94 22.64 0.33
C VAL A 126 4.27 22.06 1.72
N GLU A 127 3.67 22.60 2.78
CA GLU A 127 3.98 22.16 4.17
C GLU A 127 3.46 20.76 4.54
N GLU A 128 2.57 20.17 3.74
CA GLU A 128 2.11 18.79 4.00
C GLU A 128 3.23 17.78 3.78
N GLU A 129 3.66 17.64 2.52
CA GLU A 129 4.78 16.74 2.19
C GLU A 129 6.11 17.33 2.64
N GLY A 130 6.18 18.65 2.83
CA GLY A 130 7.43 19.36 3.15
C GLY A 130 8.27 19.76 1.93
N LYS A 131 7.72 19.52 0.73
CA LYS A 131 8.41 19.81 -0.51
C LYS A 131 7.39 19.72 -1.61
N GLY A 132 7.76 20.21 -2.78
CA GLY A 132 6.86 20.23 -3.90
C GLY A 132 7.50 20.91 -5.08
N LYS A 133 6.67 21.39 -5.99
CA LYS A 133 7.13 22.05 -7.20
C LYS A 133 6.40 23.38 -7.42
N ASP A 134 7.01 24.27 -8.19
CA ASP A 134 6.40 25.57 -8.53
C ASP A 134 5.85 25.53 -9.97
N ALA A 135 5.43 26.69 -10.46
CA ALA A 135 4.85 26.83 -11.81
C ALA A 135 5.59 26.07 -12.91
N SER A 136 6.91 26.28 -12.98
CA SER A 136 7.75 25.74 -14.07
C SER A 136 8.27 24.30 -13.85
N GLY A 137 7.90 23.67 -12.73
CA GLY A 137 8.43 22.36 -12.37
C GLY A 137 9.76 22.36 -11.63
N ASN A 138 10.19 23.50 -11.08
CA ASN A 138 11.42 23.53 -10.28
C ASN A 138 11.06 23.08 -8.89
N LYS A 139 11.89 22.21 -8.31
CA LYS A 139 11.70 21.74 -6.94
C LYS A 139 11.75 22.92 -5.99
N VAL A 140 10.92 22.87 -4.95
CA VAL A 140 10.92 23.90 -3.92
C VAL A 140 10.84 23.25 -2.56
N LYS A 141 11.41 23.90 -1.56
CA LYS A 141 11.38 23.38 -0.21
C LYS A 141 10.40 24.20 0.58
N ALA A 142 9.89 23.61 1.67
CA ALA A 142 9.00 24.30 2.59
C ALA A 142 9.84 24.95 3.69
N GLU A 143 9.25 25.93 4.36
CA GLU A 143 9.92 26.72 5.38
C GLU A 143 9.59 26.15 6.74
N PRO A 144 10.61 25.88 7.60
CA PRO A 144 10.36 25.30 8.93
C PRO A 144 9.29 25.96 9.78
N ALA A 145 9.34 27.28 9.93
CA ALA A 145 8.30 27.97 10.70
C ALA A 145 6.90 27.79 10.11
N LYS A 146 6.80 27.70 8.78
CA LYS A 146 5.52 27.50 8.13
C LYS A 146 4.97 26.09 8.29
N ILE A 147 5.86 25.10 8.23
CA ILE A 147 5.51 23.69 8.52
C ILE A 147 4.93 23.64 9.95
N GLU A 148 5.62 24.27 10.89
CA GLU A 148 5.08 24.31 12.24
C GLU A 148 3.65 24.90 12.32
N ALA A 149 3.43 26.04 11.65
CA ALA A 149 2.14 26.72 11.73
C ALA A 149 1.03 25.92 11.03
N PHE A 150 1.40 25.25 9.94
CA PHE A 150 0.49 24.35 9.22
C PHE A 150 0.03 23.24 10.17
N ARG A 151 0.97 22.70 10.95
CA ARG A 151 0.65 21.62 11.86
C ARG A 151 -0.20 22.05 13.03
N ALA A 152 0.04 23.26 13.49
CA ALA A 152 -0.74 23.79 14.62
C ALA A 152 -2.15 24.12 14.14
N SER A 153 -2.28 24.53 12.88
CA SER A 153 -3.61 24.83 12.33
C SER A 153 -4.45 23.56 12.17
N LEU A 154 -3.87 22.49 11.61
CA LEU A 154 -4.52 21.17 11.58
C LEU A 154 -4.98 20.72 12.97
N SER A 155 -4.14 20.91 13.98
CA SER A 155 -4.46 20.51 15.35
C SER A 155 -5.61 21.25 16.00
N LYS A 156 -5.86 22.50 15.57
CA LYS A 156 -7.00 23.29 16.09
C LYS A 156 -8.37 22.75 15.69
N LEU A 157 -8.40 21.97 14.60
CA LEU A 157 -9.65 21.58 13.97
C LEU A 157 -10.45 20.48 14.70
N GLY A 158 -9.84 19.85 15.71
CA GLY A 158 -10.50 18.80 16.47
C GLY A 158 -10.02 18.73 17.90
N ASP A 159 -10.73 17.94 18.70
CA ASP A 159 -10.33 17.56 20.06
C ASP A 159 -9.56 16.24 20.12
N VAL A 160 -9.78 15.34 19.14
CA VAL A 160 -9.07 14.06 19.06
C VAL A 160 -8.78 13.80 17.59
N TYR A 161 -7.81 12.93 17.33
CA TYR A 161 -7.31 12.63 15.98
C TYR A 161 -7.47 11.13 15.65
N VAL A 162 -7.92 10.87 14.43
CA VAL A 162 -7.99 9.53 13.92
C VAL A 162 -7.23 9.52 12.61
N ASN A 163 -6.34 8.55 12.45
CA ASN A 163 -5.64 8.31 11.22
C ASN A 163 -6.18 7.00 10.66
N ASP A 164 -6.75 7.10 9.47
CA ASP A 164 -7.23 5.94 8.76
C ASP A 164 -6.68 5.99 7.34
N ALA A 165 -5.46 6.50 7.19
CA ALA A 165 -4.78 6.54 5.89
C ALA A 165 -3.45 5.79 5.98
N PHE A 166 -3.54 4.47 6.05
CA PHE A 166 -2.37 3.59 6.18
C PHE A 166 -1.37 3.81 5.02
N GLY A 167 -1.88 4.00 3.81
CA GLY A 167 -1.00 4.15 2.64
C GLY A 167 -0.14 5.41 2.59
N THR A 168 -0.28 6.30 3.59
CA THR A 168 0.54 7.49 3.75
C THR A 168 1.36 7.45 5.06
N ALA A 169 1.13 6.45 5.92
CA ALA A 169 1.77 6.42 7.27
C ALA A 169 3.26 6.13 7.26
N HIS A 170 3.76 5.68 6.11
CA HIS A 170 5.21 5.57 5.86
C HIS A 170 5.97 6.87 5.60
N ARG A 171 5.24 7.97 5.43
CA ARG A 171 5.81 9.31 5.25
C ARG A 171 5.52 10.16 6.47
N ALA A 172 6.51 10.95 6.88
CA ALA A 172 6.41 11.86 8.03
C ALA A 172 5.73 13.20 7.65
N HIS A 173 4.62 13.14 6.92
CA HIS A 173 3.89 14.31 6.50
C HIS A 173 3.09 14.87 7.65
N SER A 174 2.74 16.14 7.51
CA SER A 174 2.18 16.94 8.62
C SER A 174 0.90 16.34 9.17
N SER A 175 0.00 15.96 8.28
CA SER A 175 -1.24 15.28 8.64
C SER A 175 -1.06 13.89 9.24
N MET A 176 0.09 13.25 8.98
CA MET A 176 0.44 11.97 9.62
C MET A 176 1.04 12.16 11.00
N VAL A 177 2.01 13.07 11.14
CA VAL A 177 2.81 13.19 12.39
C VAL A 177 2.66 14.50 13.13
N GLY A 178 1.98 15.47 12.53
CA GLY A 178 1.91 16.82 13.09
C GLY A 178 0.69 17.18 13.91
N VAL A 179 -0.31 16.32 13.93
CA VAL A 179 -1.55 16.65 14.65
C VAL A 179 -1.36 16.38 16.14
N ASN A 180 -1.09 17.42 16.89
CA ASN A 180 -0.79 17.28 18.30
C ASN A 180 -2.11 17.34 19.08
N LEU A 181 -2.71 16.18 19.30
CA LEU A 181 -3.86 16.09 20.24
C LEU A 181 -3.60 14.99 21.26
N PRO A 182 -4.28 15.04 22.42
CA PRO A 182 -3.95 14.08 23.49
C PRO A 182 -4.33 12.63 23.22
N GLN A 183 -5.13 12.34 22.18
CA GLN A 183 -5.42 10.99 21.75
C GLN A 183 -5.39 10.93 20.24
N LYS A 184 -4.57 10.01 19.75
CA LYS A 184 -4.36 9.79 18.34
C LYS A 184 -4.54 8.30 18.13
N ALA A 185 -5.56 7.91 17.37
CA ALA A 185 -6.02 6.51 17.24
C ALA A 185 -6.08 6.09 15.79
N GLY A 186 -5.84 4.81 15.52
CA GLY A 186 -6.09 4.24 14.22
C GLY A 186 -7.58 4.04 13.97
N GLY A 187 -7.99 4.35 12.76
CA GLY A 187 -9.35 4.10 12.30
C GLY A 187 -9.52 2.63 11.94
N PHE A 188 -10.74 2.27 11.55
CA PHE A 188 -11.07 0.87 11.32
C PHE A 188 -10.25 0.23 10.20
N LEU A 189 -9.88 1.00 9.19
CA LEU A 189 -9.01 0.47 8.12
C LEU A 189 -7.57 0.29 8.63
N MET A 190 -7.06 1.30 9.34
CA MET A 190 -5.74 1.20 9.96
C MET A 190 -5.65 0.03 10.93
N LYS A 191 -6.68 -0.14 11.76
CA LYS A 191 -6.72 -1.22 12.72
C LYS A 191 -6.50 -2.59 12.06
N LYS A 192 -7.18 -2.82 10.95
CA LYS A 192 -7.01 -4.05 10.13
C LYS A 192 -5.56 -4.29 9.68
N GLU A 193 -4.94 -3.22 9.18
CA GLU A 193 -3.55 -3.24 8.70
C GLU A 193 -2.60 -3.62 9.83
N LEU A 194 -2.75 -2.95 10.95
CA LEU A 194 -1.97 -3.27 12.14
C LEU A 194 -2.19 -4.69 12.69
N ASN A 195 -3.43 -5.19 12.71
CA ASN A 195 -3.70 -6.55 13.18
C ASN A 195 -3.06 -7.61 12.29
N TYR A 196 -3.35 -7.57 11.00
CA TYR A 196 -2.74 -8.51 10.07
C TYR A 196 -1.21 -8.53 10.00
N PHE A 197 -0.59 -7.39 9.72
CA PHE A 197 0.85 -7.35 9.66
C PHE A 197 1.55 -7.59 11.02
N ALA A 198 0.95 -7.15 12.14
CA ALA A 198 1.55 -7.47 13.47
C ALA A 198 1.64 -8.99 13.68
N LYS A 199 0.58 -9.70 13.34
CA LYS A 199 0.53 -11.16 13.52
C LYS A 199 1.53 -11.88 12.62
N ALA A 200 1.60 -11.47 11.35
CA ALA A 200 2.52 -12.06 10.40
C ALA A 200 3.98 -11.83 10.74
N LEU A 201 4.28 -10.67 11.31
CA LEU A 201 5.65 -10.32 11.67
C LEU A 201 6.03 -10.81 13.05
N GLU A 202 5.09 -10.85 13.98
CA GLU A 202 5.44 -11.19 15.36
C GLU A 202 5.16 -12.65 15.75
N SER A 203 4.15 -13.28 15.16
CA SER A 203 3.76 -14.63 15.56
C SER A 203 2.90 -15.28 14.48
N PRO A 204 3.48 -15.50 13.30
CA PRO A 204 2.67 -16.08 12.23
C PRO A 204 2.36 -17.56 12.41
N GLU A 205 1.33 -18.03 11.70
CA GLU A 205 1.11 -19.48 11.54
C GLU A 205 2.23 -20.07 10.70
N ARG A 206 2.51 -21.36 10.89
CA ARG A 206 3.69 -22.01 10.28
C ARG A 206 3.22 -23.23 9.49
N PRO A 207 3.74 -23.49 8.30
CA PRO A 207 4.78 -22.71 7.64
C PRO A 207 4.34 -21.32 7.18
N PHE A 208 5.24 -20.34 7.38
CA PHE A 208 5.09 -19.00 6.84
C PHE A 208 5.80 -18.87 5.48
N LEU A 209 5.03 -18.66 4.41
CA LEU A 209 5.54 -18.36 3.07
C LEU A 209 5.49 -16.87 2.72
N ALA A 210 6.57 -16.35 2.17
CA ALA A 210 6.57 -15.03 1.55
C ALA A 210 6.73 -15.21 0.07
N ILE A 211 5.87 -14.52 -0.69
CA ILE A 211 5.93 -14.51 -2.13
C ILE A 211 6.35 -13.09 -2.51
N LEU A 212 7.54 -12.95 -3.10
CA LEU A 212 8.15 -11.64 -3.44
C LEU A 212 8.36 -11.61 -4.94
N GLY A 213 7.79 -10.58 -5.56
CA GLY A 213 7.87 -10.37 -6.98
C GLY A 213 8.22 -8.93 -7.24
N GLY A 214 8.50 -8.61 -8.49
CA GLY A 214 8.88 -7.27 -8.87
C GLY A 214 9.75 -7.24 -10.11
N ALA A 215 10.67 -6.27 -10.14
CA ALA A 215 11.51 -6.01 -11.31
C ALA A 215 13.00 -6.03 -10.98
N LYS A 216 13.43 -5.18 -10.04
CA LYS A 216 14.84 -5.11 -9.67
C LYS A 216 15.05 -5.83 -8.34
N VAL A 217 16.32 -6.16 -8.09
CA VAL A 217 16.75 -6.84 -6.88
C VAL A 217 17.29 -5.85 -5.85
N ALA A 218 18.18 -4.97 -6.32
CA ALA A 218 18.98 -4.11 -5.46
C ALA A 218 18.18 -3.21 -4.53
N ASP A 219 16.95 -2.89 -4.89
CA ASP A 219 16.07 -2.11 -4.01
C ASP A 219 15.14 -2.97 -3.11
N LYS A 220 15.40 -4.28 -3.02
CA LYS A 220 14.65 -5.17 -2.12
C LYS A 220 15.54 -6.00 -1.20
N ILE A 221 16.81 -5.66 -1.10
CA ILE A 221 17.76 -6.36 -0.22
C ILE A 221 17.22 -6.40 1.19
N GLN A 222 16.78 -5.27 1.72
CA GLN A 222 16.33 -5.27 3.12
C GLN A 222 14.99 -5.99 3.27
N LEU A 223 14.12 -5.89 2.25
CA LEU A 223 12.89 -6.66 2.21
C LEU A 223 13.18 -8.17 2.27
N ILE A 224 14.04 -8.63 1.38
CA ILE A 224 14.44 -10.01 1.36
C ILE A 224 15.17 -10.38 2.64
N ASN A 225 16.01 -9.49 3.13
CA ASN A 225 16.83 -9.81 4.27
C ASN A 225 15.89 -10.01 5.47
N ASN A 226 15.04 -9.03 5.74
CA ASN A 226 14.10 -9.09 6.89
C ASN A 226 13.11 -10.27 6.82
N MET A 227 12.58 -10.56 5.63
CA MET A 227 11.72 -11.74 5.46
C MET A 227 12.46 -13.06 5.74
N LEU A 228 13.73 -13.15 5.32
CA LEU A 228 14.53 -14.33 5.66
C LEU A 228 14.79 -14.49 7.15
N ASP A 229 14.64 -13.43 7.94
CA ASP A 229 14.66 -13.56 9.40
C ASP A 229 13.40 -14.24 9.96
N LYS A 230 12.31 -14.34 9.18
CA LYS A 230 10.97 -14.69 9.70
C LYS A 230 10.18 -15.82 8.99
N VAL A 231 10.41 -16.01 7.71
CA VAL A 231 9.68 -17.00 6.93
C VAL A 231 10.30 -18.40 7.00
N ASN A 232 9.50 -19.40 6.60
CA ASN A 232 9.96 -20.76 6.43
C ASN A 232 10.26 -21.05 4.97
N GLU A 233 9.59 -20.30 4.08
CA GLU A 233 9.69 -20.46 2.65
C GLU A 233 9.60 -19.12 1.96
N MET A 234 10.20 -19.03 0.77
CA MET A 234 10.14 -17.81 -0.01
C MET A 234 10.14 -18.16 -1.51
N ILE A 235 9.07 -17.78 -2.21
CA ILE A 235 9.06 -17.72 -3.69
C ILE A 235 9.70 -16.40 -4.13
N ILE A 236 10.54 -16.49 -5.16
CA ILE A 236 11.05 -15.36 -5.88
C ILE A 236 10.46 -15.43 -7.26
N GLY A 237 9.86 -14.33 -7.71
CA GLY A 237 9.34 -14.25 -9.07
C GLY A 237 9.45 -12.85 -9.65
N GLY A 238 8.85 -12.70 -10.83
CA GLY A 238 8.92 -11.48 -11.57
C GLY A 238 10.30 -11.27 -12.15
N GLY A 239 10.60 -10.03 -12.51
CA GLY A 239 11.87 -9.70 -13.19
C GLY A 239 13.08 -10.03 -12.35
N MET A 240 12.91 -9.85 -11.05
CA MET A 240 13.92 -10.18 -10.05
C MET A 240 14.63 -11.53 -10.35
N ALA A 241 13.83 -12.58 -10.53
CA ALA A 241 14.28 -13.97 -10.65
C ALA A 241 15.43 -14.21 -11.64
N PHE A 242 15.44 -13.48 -12.74
CA PHE A 242 16.46 -13.73 -13.77
C PHE A 242 17.89 -13.38 -13.34
N THR A 243 18.01 -12.46 -12.38
CA THR A 243 19.26 -12.12 -11.72
C THR A 243 19.77 -13.30 -10.87
N PHE A 244 18.87 -13.88 -10.09
CA PHE A 244 19.17 -15.07 -9.30
C PHE A 244 19.60 -16.24 -10.21
N LEU A 245 18.89 -16.43 -11.30
CA LEU A 245 19.16 -17.56 -12.18
C LEU A 245 20.46 -17.47 -13.00
N LYS A 246 20.75 -16.29 -13.53
CA LYS A 246 22.04 -16.04 -14.20
C LYS A 246 23.21 -16.25 -13.24
N VAL A 247 23.09 -15.73 -12.01
CA VAL A 247 24.16 -15.82 -11.01
C VAL A 247 24.29 -17.24 -10.44
N LEU A 248 23.17 -17.87 -10.09
CA LEU A 248 23.23 -19.17 -9.43
C LEU A 248 23.42 -20.30 -10.42
N ASN A 249 22.76 -20.24 -11.58
CA ASN A 249 22.77 -21.35 -12.54
C ASN A 249 23.38 -21.07 -13.91
N ASN A 250 24.04 -19.93 -14.08
CA ASN A 250 24.54 -19.53 -15.40
C ASN A 250 23.51 -19.59 -16.51
N MET A 251 22.26 -19.26 -16.16
CA MET A 251 21.20 -19.23 -17.13
C MET A 251 21.47 -18.12 -18.12
N GLU A 252 21.29 -18.44 -19.41
CA GLU A 252 21.20 -17.45 -20.47
C GLU A 252 19.78 -16.85 -20.40
N ILE A 253 19.69 -15.53 -20.22
CA ILE A 253 18.41 -14.82 -20.04
C ILE A 253 18.04 -13.86 -21.17
N GLY A 254 18.83 -13.82 -22.25
CA GLY A 254 18.53 -12.89 -23.36
C GLY A 254 18.49 -11.41 -22.94
N THR A 255 17.37 -10.74 -23.24
CA THR A 255 17.15 -9.32 -22.89
C THR A 255 16.31 -9.12 -21.63
N SER A 256 16.17 -10.15 -20.80
CA SER A 256 15.44 -10.06 -19.53
C SER A 256 16.12 -9.11 -18.57
N LEU A 257 15.35 -8.55 -17.64
CA LEU A 257 15.93 -7.65 -16.64
C LEU A 257 17.12 -8.34 -15.99
N PHE A 258 18.20 -7.57 -15.83
CA PHE A 258 19.37 -7.99 -15.07
C PHE A 258 19.85 -6.87 -14.16
N ASP A 259 19.88 -7.13 -12.85
CA ASP A 259 20.33 -6.17 -11.88
C ASP A 259 21.82 -6.43 -11.58
N GLU A 260 22.68 -5.73 -12.32
CA GLU A 260 24.14 -5.86 -12.18
C GLU A 260 24.63 -5.68 -10.74
N GLU A 261 24.05 -4.74 -10.01
CA GLU A 261 24.39 -4.54 -8.59
C GLU A 261 23.86 -5.71 -7.72
N GLY A 262 22.58 -6.01 -7.89
CA GLY A 262 21.92 -7.12 -7.17
C GLY A 262 22.55 -8.49 -7.38
N ALA A 263 23.01 -8.75 -8.61
CA ALA A 263 23.75 -9.95 -8.97
C ALA A 263 24.88 -10.31 -7.99
N LYS A 264 25.54 -9.28 -7.45
CA LYS A 264 26.70 -9.47 -6.58
C LYS A 264 26.35 -9.85 -5.15
N ILE A 265 25.08 -9.73 -4.75
CA ILE A 265 24.67 -10.21 -3.42
C ILE A 265 23.70 -11.43 -3.39
N VAL A 266 23.33 -11.93 -4.57
CA VAL A 266 22.49 -13.12 -4.73
C VAL A 266 22.96 -14.32 -3.89
N LYS A 267 24.22 -14.74 -4.08
CA LYS A 267 24.74 -15.89 -3.31
C LYS A 267 24.76 -15.61 -1.80
N ASP A 268 25.01 -14.36 -1.43
CA ASP A 268 24.87 -13.93 -0.02
C ASP A 268 23.45 -14.09 0.51
N LEU A 269 22.43 -13.83 -0.31
CA LEU A 269 21.03 -14.02 0.14
C LEU A 269 20.69 -15.52 0.32
N MET A 270 21.10 -16.35 -0.63
CA MET A 270 20.92 -17.81 -0.55
C MET A 270 21.64 -18.39 0.66
N SER A 271 22.87 -17.93 0.86
CA SER A 271 23.67 -18.26 2.04
C SER A 271 22.90 -18.08 3.33
N LYS A 272 22.21 -16.94 3.46
CA LYS A 272 21.44 -16.63 4.65
C LYS A 272 20.24 -17.57 4.78
N ALA A 273 19.60 -17.84 3.65
CA ALA A 273 18.43 -18.73 3.60
C ALA A 273 18.80 -20.14 4.06
N GLU A 274 19.91 -20.64 3.53
CA GLU A 274 20.47 -21.93 3.92
C GLU A 274 20.69 -21.99 5.43
N LYS A 275 21.31 -20.96 6.01
CA LYS A 275 21.60 -20.97 7.47
C LYS A 275 20.33 -21.00 8.28
N ASN A 276 19.26 -20.39 7.78
CA ASN A 276 18.01 -20.29 8.54
C ASN A 276 16.98 -21.37 8.22
N GLY A 277 17.30 -22.20 7.24
CA GLY A 277 16.40 -23.27 6.80
C GLY A 277 15.21 -22.75 6.06
N VAL A 278 15.42 -21.71 5.23
CA VAL A 278 14.35 -21.19 4.41
C VAL A 278 14.45 -21.82 3.05
N LYS A 279 13.36 -22.42 2.61
CA LYS A 279 13.31 -23.09 1.34
C LYS A 279 12.99 -22.03 0.31
N ILE A 280 13.87 -21.86 -0.68
CA ILE A 280 13.68 -20.88 -1.72
C ILE A 280 13.14 -21.58 -2.95
N THR A 281 12.03 -21.08 -3.47
CA THR A 281 11.47 -21.60 -4.70
C THR A 281 11.55 -20.55 -5.81
N LEU A 282 12.38 -20.83 -6.81
CA LEU A 282 12.59 -19.95 -7.97
C LEU A 282 11.85 -20.56 -9.16
N PRO A 283 11.48 -19.75 -10.16
CA PRO A 283 10.83 -20.36 -11.33
C PRO A 283 11.78 -21.25 -12.15
N VAL A 284 11.22 -22.13 -12.97
CA VAL A 284 11.99 -23.07 -13.80
C VAL A 284 11.60 -23.01 -15.29
N ASP A 285 10.64 -22.15 -15.62
CA ASP A 285 10.21 -22.00 -17.01
C ASP A 285 9.48 -20.68 -17.18
N PHE A 286 9.30 -20.24 -18.44
CA PHE A 286 8.96 -18.85 -18.75
C PHE A 286 8.20 -18.66 -20.04
N VAL A 287 7.29 -17.67 -20.04
CA VAL A 287 6.74 -17.10 -21.25
C VAL A 287 7.66 -15.97 -21.65
N THR A 288 8.13 -16.02 -22.89
CA THR A 288 9.06 -15.04 -23.40
C THR A 288 8.40 -14.16 -24.42
N ALA A 289 8.99 -12.97 -24.59
CA ALA A 289 8.49 -11.92 -25.50
C ALA A 289 9.63 -11.40 -26.37
N ASP A 290 9.35 -11.03 -27.62
CA ASP A 290 10.44 -10.55 -28.48
C ASP A 290 10.84 -9.11 -28.10
N LYS A 291 9.93 -8.37 -27.47
CA LYS A 291 10.24 -7.05 -26.91
C LYS A 291 9.34 -6.75 -25.71
N PHE A 292 9.70 -5.71 -24.95
CA PHE A 292 8.90 -5.29 -23.77
C PHE A 292 7.71 -4.47 -24.26
N ASP A 293 6.71 -5.20 -24.80
CA ASP A 293 5.51 -4.61 -25.39
C ASP A 293 4.29 -5.51 -25.21
N GLU A 294 3.14 -4.90 -24.91
CA GLU A 294 1.88 -5.63 -24.69
C GLU A 294 1.55 -6.62 -25.78
N ASN A 295 1.83 -6.25 -27.03
CA ASN A 295 1.56 -7.09 -28.21
C ASN A 295 2.77 -7.73 -28.86
N ALA A 296 3.84 -7.94 -28.09
CA ALA A 296 5.00 -8.65 -28.59
C ALA A 296 4.63 -10.07 -28.98
N LYS A 297 5.42 -10.64 -29.90
CA LYS A 297 5.43 -12.09 -30.16
C LYS A 297 5.82 -12.84 -28.89
N THR A 298 5.15 -13.96 -28.62
CA THR A 298 5.45 -14.78 -27.44
C THR A 298 6.11 -16.11 -27.78
N GLY A 299 6.86 -16.63 -26.81
CA GLY A 299 7.46 -17.97 -26.92
C GLY A 299 7.56 -18.62 -25.55
N GLN A 300 8.39 -19.65 -25.45
CA GLN A 300 8.54 -20.43 -24.20
C GLN A 300 9.97 -20.85 -24.00
N ALA A 301 10.35 -20.95 -22.73
CA ALA A 301 11.72 -21.28 -22.36
C ALA A 301 11.75 -21.91 -20.99
N THR A 302 12.84 -22.63 -20.74
CA THR A 302 13.11 -23.20 -19.42
C THR A 302 14.46 -22.74 -18.94
N VAL A 303 14.78 -23.02 -17.67
CA VAL A 303 16.13 -22.72 -17.15
C VAL A 303 17.15 -23.54 -17.93
N ALA A 304 16.83 -24.80 -18.25
CA ALA A 304 17.71 -25.67 -19.03
C ALA A 304 17.98 -25.13 -20.42
N SER A 305 16.94 -24.70 -21.14
CA SER A 305 17.09 -24.18 -22.51
C SER A 305 17.73 -22.79 -22.51
N GLY A 306 17.46 -22.01 -21.46
CA GLY A 306 17.75 -20.60 -21.46
C GLY A 306 16.83 -19.86 -22.41
N ILE A 307 16.85 -18.54 -22.30
CA ILE A 307 16.05 -17.68 -23.17
C ILE A 307 16.91 -17.28 -24.37
N PRO A 308 16.39 -17.43 -25.61
CA PRO A 308 17.22 -17.06 -26.76
C PRO A 308 17.60 -15.56 -26.78
N ALA A 309 18.72 -15.29 -27.43
CA ALA A 309 19.21 -13.95 -27.68
C ALA A 309 18.11 -13.02 -28.25
N GLY A 310 18.02 -11.84 -27.67
CA GLY A 310 17.02 -10.86 -28.07
C GLY A 310 15.62 -11.04 -27.51
N TRP A 311 15.37 -12.12 -26.76
CA TRP A 311 14.07 -12.33 -26.09
C TRP A 311 14.18 -12.20 -24.58
N MET A 312 13.06 -11.86 -23.95
CA MET A 312 12.99 -11.63 -22.50
C MET A 312 11.86 -12.44 -21.88
N GLY A 313 12.01 -12.78 -20.61
CA GLY A 313 11.01 -13.55 -19.89
C GLY A 313 10.14 -12.58 -19.15
N LEU A 314 8.86 -12.53 -19.53
CA LEU A 314 7.87 -11.65 -18.90
C LEU A 314 6.83 -12.34 -18.00
N ASP A 315 6.80 -13.68 -17.98
CA ASP A 315 5.94 -14.46 -17.04
C ASP A 315 6.62 -15.78 -16.72
N CYS A 316 6.25 -16.44 -15.63
CA CYS A 316 6.63 -17.83 -15.46
C CYS A 316 5.73 -18.75 -16.27
N GLY A 317 6.22 -19.96 -16.48
CA GLY A 317 5.54 -21.00 -17.24
C GLY A 317 4.82 -22.01 -16.36
N PRO A 318 4.22 -23.04 -16.99
CA PRO A 318 3.37 -23.99 -16.26
C PRO A 318 4.07 -24.84 -15.18
N GLU A 319 5.31 -25.21 -15.40
CA GLU A 319 6.04 -25.97 -14.37
C GLU A 319 6.35 -25.15 -13.12
N SER A 320 6.72 -23.88 -13.34
CA SER A 320 6.93 -22.92 -12.23
C SER A 320 5.68 -22.71 -11.40
N SER A 321 4.56 -22.60 -12.09
CA SER A 321 3.24 -22.53 -11.46
C SER A 321 3.02 -23.71 -10.49
N LYS A 322 3.43 -24.93 -10.89
CA LYS A 322 3.29 -26.11 -10.00
C LYS A 322 4.15 -26.01 -8.75
N LYS A 323 5.41 -25.63 -8.96
CA LYS A 323 6.38 -25.52 -7.88
C LYS A 323 5.98 -24.43 -6.88
N TYR A 324 5.54 -23.27 -7.42
CA TYR A 324 4.88 -22.24 -6.61
C TYR A 324 3.71 -22.81 -5.85
N ALA A 325 2.85 -23.57 -6.55
CA ALA A 325 1.68 -24.21 -5.92
C ALA A 325 2.00 -25.19 -4.76
N GLU A 326 3.07 -25.98 -4.93
CA GLU A 326 3.55 -26.87 -3.84
C GLU A 326 3.85 -26.11 -2.52
N ALA A 327 4.41 -24.92 -2.67
CA ALA A 327 4.77 -24.08 -1.51
C ALA A 327 3.54 -23.45 -0.90
N VAL A 328 2.64 -23.00 -1.76
CA VAL A 328 1.34 -22.42 -1.33
C VAL A 328 0.53 -23.50 -0.58
N THR A 329 0.54 -24.73 -1.09
CA THR A 329 -0.14 -25.87 -0.45
C THR A 329 0.36 -26.14 1.00
N ARG A 330 1.66 -26.06 1.23
CA ARG A 330 2.26 -26.26 2.56
C ARG A 330 1.97 -25.13 3.54
N ALA A 331 1.75 -23.92 3.03
CA ALA A 331 1.71 -22.72 3.88
C ALA A 331 0.50 -22.64 4.82
N LYS A 332 0.72 -22.23 6.07
CA LYS A 332 -0.39 -21.83 6.96
C LYS A 332 -0.57 -20.29 7.06
N GLN A 333 0.46 -19.54 6.65
CA GLN A 333 0.41 -18.08 6.56
C GLN A 333 1.20 -17.66 5.33
N ILE A 334 0.67 -16.68 4.62
CA ILE A 334 1.27 -16.14 3.38
C ILE A 334 1.21 -14.61 3.37
N VAL A 335 2.31 -13.99 2.97
CA VAL A 335 2.37 -12.58 2.61
C VAL A 335 2.81 -12.53 1.16
N TRP A 336 2.00 -11.95 0.30
CA TRP A 336 2.36 -11.82 -1.13
C TRP A 336 2.54 -10.34 -1.49
N ASN A 337 3.77 -9.94 -1.84
CA ASN A 337 4.08 -8.61 -2.30
C ASN A 337 4.79 -8.75 -3.64
N GLY A 338 4.04 -8.63 -4.72
CA GLY A 338 4.63 -8.43 -6.06
C GLY A 338 4.26 -9.50 -7.05
N PRO A 339 3.68 -9.13 -8.21
CA PRO A 339 3.33 -10.18 -9.19
C PRO A 339 4.53 -10.87 -9.73
N VAL A 340 4.31 -12.07 -10.27
CA VAL A 340 5.37 -12.92 -10.75
C VAL A 340 5.54 -12.78 -12.26
N GLY A 341 4.77 -11.88 -12.86
CA GLY A 341 4.93 -11.56 -14.26
C GLY A 341 4.37 -10.18 -14.53
N VAL A 342 4.35 -9.82 -15.80
CA VAL A 342 3.84 -8.53 -16.25
C VAL A 342 2.33 -8.63 -16.32
N PHE A 343 1.72 -8.61 -15.16
CA PHE A 343 0.30 -8.78 -15.03
C PHE A 343 -0.56 -7.77 -15.81
N GLU A 344 -0.03 -6.58 -16.11
CA GLU A 344 -0.78 -5.53 -16.80
C GLU A 344 -1.18 -5.97 -18.20
N TRP A 345 -0.43 -6.90 -18.79
CA TRP A 345 -0.63 -7.33 -20.16
C TRP A 345 -1.10 -8.76 -20.15
N GLU A 346 -2.25 -9.04 -20.77
CA GLU A 346 -2.89 -10.34 -20.63
C GLU A 346 -1.98 -11.50 -20.94
N ALA A 347 -1.24 -11.38 -22.02
CA ALA A 347 -0.26 -12.38 -22.42
C ALA A 347 0.78 -12.80 -21.36
N PHE A 348 0.97 -11.99 -20.32
CA PHE A 348 1.93 -12.32 -19.30
C PHE A 348 1.34 -12.22 -17.93
N ALA A 349 0.04 -12.49 -17.83
CA ALA A 349 -0.65 -12.46 -16.54
C ALA A 349 -1.00 -13.84 -15.97
N ARG A 350 -0.92 -14.91 -16.79
CA ARG A 350 -1.33 -16.24 -16.37
C ARG A 350 -0.64 -16.73 -15.09
N GLY A 351 0.65 -16.52 -15.00
CA GLY A 351 1.41 -16.97 -13.83
C GLY A 351 0.90 -16.35 -12.55
N THR A 352 0.55 -15.07 -12.60
CA THR A 352 0.03 -14.33 -11.44
C THR A 352 -1.41 -14.72 -11.14
N LYS A 353 -2.20 -14.93 -12.19
CA LYS A 353 -3.61 -15.38 -12.06
C LYS A 353 -3.73 -16.79 -11.45
N ALA A 354 -2.94 -17.73 -11.97
CA ALA A 354 -2.84 -19.08 -11.42
C ALA A 354 -2.41 -19.03 -9.97
N LEU A 355 -1.35 -18.27 -9.69
CA LEU A 355 -0.88 -18.15 -8.31
C LEU A 355 -1.96 -17.58 -7.41
N MET A 356 -2.66 -16.55 -7.89
CA MET A 356 -3.79 -15.96 -7.20
C MET A 356 -4.87 -17.01 -6.88
N ASP A 357 -5.23 -17.85 -7.85
CA ASP A 357 -6.14 -18.98 -7.56
C ASP A 357 -5.68 -19.94 -6.46
N GLU A 358 -4.40 -20.29 -6.44
CA GLU A 358 -3.86 -21.15 -5.37
C GLU A 358 -3.95 -20.45 -4.01
N VAL A 359 -3.67 -19.16 -4.00
CA VAL A 359 -3.74 -18.38 -2.75
C VAL A 359 -5.20 -18.31 -2.26
N VAL A 360 -6.14 -18.18 -3.19
CA VAL A 360 -7.59 -18.22 -2.83
C VAL A 360 -8.00 -19.58 -2.21
N LYS A 361 -7.64 -20.65 -2.90
CA LYS A 361 -7.86 -22.01 -2.39
C LYS A 361 -7.22 -22.26 -1.06
N ALA A 362 -6.00 -21.76 -0.85
CA ALA A 362 -5.39 -21.83 0.46
C ALA A 362 -6.23 -21.15 1.56
N THR A 363 -6.83 -20.01 1.23
CA THR A 363 -7.66 -19.28 2.20
C THR A 363 -8.86 -20.13 2.61
N SER A 364 -9.52 -20.76 1.63
CA SER A 364 -10.65 -21.68 1.90
C SER A 364 -10.34 -22.74 2.94
N ARG A 365 -9.16 -23.35 2.82
CA ARG A 365 -8.74 -24.38 3.76
C ARG A 365 -8.19 -23.84 5.11
N GLY A 366 -8.21 -22.52 5.33
CA GLY A 366 -7.76 -21.92 6.58
C GLY A 366 -6.42 -21.21 6.58
N CYS A 367 -5.78 -21.05 5.40
CA CYS A 367 -4.50 -20.33 5.32
C CYS A 367 -4.76 -18.82 5.53
N ILE A 368 -3.89 -18.17 6.31
CA ILE A 368 -3.93 -16.71 6.43
C ILE A 368 -3.19 -16.14 5.23
N THR A 369 -3.86 -15.30 4.46
CA THR A 369 -3.29 -14.74 3.22
C THR A 369 -3.38 -13.19 3.21
N ILE A 370 -2.21 -12.56 3.24
CA ILE A 370 -2.07 -11.11 3.28
C ILE A 370 -1.52 -10.63 1.95
N ILE A 371 -2.22 -9.75 1.29
CA ILE A 371 -1.78 -9.23 0.00
C ILE A 371 -1.21 -7.84 0.23
N GLY A 372 0.04 -7.62 -0.23
CA GLY A 372 0.61 -6.27 -0.23
C GLY A 372 -0.17 -5.28 -1.09
N GLY A 373 -0.02 -4.00 -0.78
CA GLY A 373 -0.66 -2.92 -1.54
C GLY A 373 0.11 -2.70 -2.85
N GLY A 374 -0.41 -1.80 -3.68
CA GLY A 374 0.17 -1.56 -4.98
C GLY A 374 -0.28 -2.63 -5.96
N ASP A 375 0.66 -3.16 -6.71
CA ASP A 375 0.35 -4.06 -7.83
C ASP A 375 -0.39 -5.34 -7.43
N THR A 376 -0.04 -5.94 -6.28
CA THR A 376 -0.67 -7.22 -5.92
C THR A 376 -2.17 -6.98 -5.63
N ALA A 377 -2.45 -5.89 -4.93
CA ALA A 377 -3.83 -5.55 -4.57
C ALA A 377 -4.65 -5.15 -5.82
N THR A 378 -4.01 -4.49 -6.80
CA THR A 378 -4.65 -4.22 -8.11
C THR A 378 -5.13 -5.51 -8.79
N CYS A 379 -4.30 -6.54 -8.77
CA CYS A 379 -4.68 -7.87 -9.28
C CYS A 379 -5.92 -8.44 -8.58
N CYS A 380 -5.98 -8.28 -7.26
CA CYS A 380 -7.15 -8.69 -6.48
C CYS A 380 -8.43 -7.94 -6.88
N ALA A 381 -8.30 -6.64 -7.14
CA ALA A 381 -9.42 -5.82 -7.62
C ALA A 381 -9.80 -6.28 -9.02
N LYS A 382 -8.80 -6.42 -9.87
CA LYS A 382 -8.99 -6.71 -11.30
C LYS A 382 -9.65 -8.06 -11.59
N TRP A 383 -9.49 -9.04 -10.69
CA TRP A 383 -10.01 -10.40 -10.86
C TRP A 383 -10.95 -10.83 -9.73
N ASN A 384 -11.40 -9.87 -8.93
CA ASN A 384 -12.52 -10.07 -8.01
C ASN A 384 -12.18 -11.07 -6.88
N THR A 385 -11.02 -10.87 -6.25
CA THR A 385 -10.58 -11.76 -5.20
C THR A 385 -10.28 -11.05 -3.89
N GLU A 386 -10.74 -9.81 -3.75
CA GLU A 386 -10.50 -9.01 -2.52
C GLU A 386 -11.16 -9.61 -1.29
N ASP A 387 -12.27 -10.29 -1.50
CA ASP A 387 -13.05 -11.00 -0.48
C ASP A 387 -12.61 -12.47 -0.29
N LYS A 388 -11.74 -12.98 -1.17
CA LYS A 388 -11.33 -14.38 -1.18
C LYS A 388 -9.97 -14.61 -0.50
N VAL A 389 -9.31 -13.53 -0.06
CA VAL A 389 -8.09 -13.61 0.74
C VAL A 389 -8.39 -13.03 2.11
N SER A 390 -7.48 -13.19 3.05
CA SER A 390 -7.77 -12.74 4.43
C SER A 390 -7.68 -11.22 4.56
N HIS A 391 -6.76 -10.60 3.82
CA HIS A 391 -6.52 -9.15 3.91
C HIS A 391 -5.78 -8.60 2.70
N VAL A 392 -6.35 -7.58 2.05
CA VAL A 392 -5.69 -6.83 0.99
C VAL A 392 -5.27 -5.50 1.56
N SER A 393 -3.96 -5.24 1.58
CA SER A 393 -3.46 -3.97 2.16
C SER A 393 -3.80 -2.76 1.29
N THR A 394 -4.06 -1.65 1.97
CA THR A 394 -4.45 -0.41 1.34
C THR A 394 -3.27 0.52 1.05
N GLY A 395 -2.03 0.08 1.29
CA GLY A 395 -0.84 0.93 1.04
C GLY A 395 0.37 0.17 0.51
N GLY A 396 0.78 0.47 -0.71
CA GLY A 396 1.92 -0.18 -1.33
C GLY A 396 3.22 0.11 -0.60
N GLY A 397 3.66 1.35 -0.63
CA GLY A 397 4.94 1.71 -0.03
C GLY A 397 4.90 1.40 1.45
N ALA A 398 3.76 1.66 2.07
CA ALA A 398 3.62 1.43 3.51
C ALA A 398 3.80 -0.05 3.92
N SER A 399 3.11 -0.96 3.26
CA SER A 399 3.23 -2.40 3.61
C SER A 399 4.66 -2.93 3.36
N LEU A 400 5.29 -2.42 2.31
CA LEU A 400 6.66 -2.76 1.96
C LEU A 400 7.64 -2.34 3.05
N GLU A 401 7.48 -1.14 3.60
CA GLU A 401 8.34 -0.71 4.71
C GLU A 401 8.13 -1.51 5.97
N LEU A 402 6.88 -1.87 6.27
CA LEU A 402 6.63 -2.78 7.36
C LEU A 402 7.30 -4.14 7.14
N LEU A 403 7.21 -4.67 5.92
CA LEU A 403 7.87 -5.91 5.57
C LEU A 403 9.40 -5.82 5.64
N GLU A 404 9.92 -4.64 5.31
CA GLU A 404 11.35 -4.35 5.50
C GLU A 404 11.78 -4.21 6.96
N GLY A 405 10.84 -4.27 7.91
CA GLY A 405 11.14 -4.14 9.32
C GLY A 405 11.22 -2.71 9.85
N LYS A 406 10.82 -1.72 9.05
CA LYS A 406 10.92 -0.32 9.44
C LYS A 406 9.79 0.13 10.33
N VAL A 407 10.06 1.19 11.07
CA VAL A 407 9.07 1.91 11.87
C VAL A 407 8.42 2.94 10.94
N LEU A 408 7.08 2.93 10.91
CA LEU A 408 6.32 3.85 10.06
C LEU A 408 6.00 5.11 10.90
N PRO A 409 6.41 6.30 10.43
CA PRO A 409 6.22 7.51 11.26
C PRO A 409 4.77 7.70 11.67
N GLY A 410 3.86 7.51 10.73
CA GLY A 410 2.45 7.74 11.00
C GLY A 410 1.88 6.79 12.04
N VAL A 411 2.30 5.53 11.97
CA VAL A 411 1.87 4.51 12.93
C VAL A 411 2.50 4.81 14.29
N ASP A 412 3.79 5.16 14.29
CA ASP A 412 4.55 5.41 15.52
C ASP A 412 3.98 6.56 16.33
N ALA A 413 3.48 7.56 15.61
CA ALA A 413 2.82 8.72 16.22
C ALA A 413 1.46 8.44 16.88
N LEU A 414 0.87 7.27 16.66
CA LEU A 414 -0.41 6.96 17.30
C LEU A 414 -0.21 6.76 18.78
N SER A 415 -1.26 7.03 19.54
CA SER A 415 -1.24 6.83 21.00
C SER A 415 -1.14 5.32 21.30
N ASN A 416 -0.45 5.00 22.39
CA ASN A 416 -0.36 3.62 22.89
C ASN A 416 -1.50 3.18 23.79
N ILE A 417 -1.70 1.86 23.82
CA ILE A 417 -2.73 1.13 24.60
C ILE A 417 -4.16 1.39 24.15
PB ADP B . 11.05 -2.45 -8.46
O1B ADP B . 10.66 -1.65 -7.23
O2B ADP B . 12.30 -3.30 -8.30
O3B ADP B . 11.02 -1.67 -9.77
PA ADP B . 8.32 -3.10 -8.77
O1A ADP B . 7.40 -3.84 -7.81
O2A ADP B . 8.21 -1.60 -8.89
O3A ADP B . 9.86 -3.54 -8.58
O5' ADP B . 8.04 -3.66 -10.25
C5' ADP B . 6.72 -4.12 -10.55
C4' ADP B . 6.70 -4.28 -12.04
O4' ADP B . 7.46 -5.45 -12.35
C3' ADP B . 5.30 -4.48 -12.62
O3' ADP B . 4.90 -3.31 -13.34
C2' ADP B . 5.44 -5.69 -13.51
O2' ADP B . 4.84 -5.44 -14.78
C1' ADP B . 6.95 -5.86 -13.60
N9 ADP B . 7.38 -7.24 -13.88
C8 ADP B . 6.96 -8.39 -13.33
N7 ADP B . 7.60 -9.45 -13.90
C5 ADP B . 8.46 -8.96 -14.81
C6 ADP B . 9.43 -9.49 -15.77
N6 ADP B . 9.65 -10.83 -15.87
N1 ADP B . 10.10 -8.60 -16.54
C2 ADP B . 9.91 -7.27 -16.47
N3 ADP B . 9.02 -6.72 -15.62
C4 ADP B . 8.31 -7.50 -14.78
#